data_1JY9
# 
_entry.id   1JY9 
# 
_audit_conform.dict_name       mmcif_pdbx.dic 
_audit_conform.dict_version    5.399 
_audit_conform.dict_location   http://mmcif.pdb.org/dictionaries/ascii/mmcif_pdbx.dic 
# 
loop_
_database_2.database_id 
_database_2.database_code 
_database_2.pdbx_database_accession 
_database_2.pdbx_DOI 
PDB   1JY9         pdb_00001jy9 10.2210/pdb1jy9/pdb 
RCSB  RCSB014325   ?            ?                   
WWPDB D_1000014325 ?            ?                   
# 
loop_
_pdbx_audit_revision_history.ordinal 
_pdbx_audit_revision_history.data_content_type 
_pdbx_audit_revision_history.major_revision 
_pdbx_audit_revision_history.minor_revision 
_pdbx_audit_revision_history.revision_date 
1 'Structure model' 1 0 2001-09-19 
2 'Structure model' 1 1 2008-04-27 
3 'Structure model' 1 2 2011-07-13 
4 'Structure model' 1 3 2022-02-23 
5 'Structure model' 1 4 2024-11-20 
# 
_pdbx_audit_revision_details.ordinal             1 
_pdbx_audit_revision_details.revision_ordinal    1 
_pdbx_audit_revision_details.data_content_type   'Structure model' 
_pdbx_audit_revision_details.provider            repository 
_pdbx_audit_revision_details.type                'Initial release' 
_pdbx_audit_revision_details.description         ? 
_pdbx_audit_revision_details.details             ? 
# 
loop_
_pdbx_audit_revision_group.ordinal 
_pdbx_audit_revision_group.revision_ordinal 
_pdbx_audit_revision_group.data_content_type 
_pdbx_audit_revision_group.group 
1 2 'Structure model' 'Version format compliance' 
2 3 'Structure model' 'Version format compliance' 
3 4 'Structure model' 'Database references'       
4 4 'Structure model' 'Derived calculations'      
5 5 'Structure model' 'Data collection'           
6 5 'Structure model' 'Structure summary'         
# 
loop_
_pdbx_audit_revision_category.ordinal 
_pdbx_audit_revision_category.revision_ordinal 
_pdbx_audit_revision_category.data_content_type 
_pdbx_audit_revision_category.category 
1 4 'Structure model' database_2            
2 4 'Structure model' pdbx_struct_assembly  
3 4 'Structure model' pdbx_struct_oper_list 
4 4 'Structure model' struct_conn           
5 5 'Structure model' chem_comp_atom        
6 5 'Structure model' chem_comp_bond        
7 5 'Structure model' pdbx_entry_details    
# 
loop_
_pdbx_audit_revision_item.ordinal 
_pdbx_audit_revision_item.revision_ordinal 
_pdbx_audit_revision_item.data_content_type 
_pdbx_audit_revision_item.item 
1 4 'Structure model' '_database_2.pdbx_DOI'                
2 4 'Structure model' '_database_2.pdbx_database_accession' 
3 4 'Structure model' '_struct_conn.pdbx_leaving_atom_flag' 
# 
_pdbx_database_status.status_code                     REL 
_pdbx_database_status.entry_id                        1JY9 
_pdbx_database_status.recvd_initial_deposition_date   2001-09-11 
_pdbx_database_status.deposit_site                    RCSB 
_pdbx_database_status.process_site                    RCSB 
_pdbx_database_status.status_code_mr                  REL 
_pdbx_database_status.status_code_sf                  ? 
_pdbx_database_status.SG_entry                        ? 
_pdbx_database_status.pdb_format_compatible           Y 
_pdbx_database_status.status_code_cs                  ? 
_pdbx_database_status.status_code_nmr_data            ? 
_pdbx_database_status.methods_development_category    ? 
# 
loop_
_audit_author.name 
_audit_author.pdbx_ordinal 
'Stanger, H.E.'  1 
'Syud, F.A.'     2 
'Espinosa, J.F.' 3 
'Giriat, I.'     4 
'Muir, T.'       5 
'Gellman, S.H.'  6 
# 
_citation.id                        primary 
_citation.title                     
'Length-dependent stability and strand length limits in antiparallel beta -sheet secondary structure.' 
_citation.journal_abbrev            Proc.Natl.Acad.Sci.USA 
_citation.journal_volume            98 
_citation.page_first                12015 
_citation.page_last                 12020 
_citation.year                      2001 
_citation.journal_id_ASTM           PNASA6 
_citation.country                   US 
_citation.journal_id_ISSN           0027-8424 
_citation.journal_id_CSD            0040 
_citation.book_publisher            ? 
_citation.pdbx_database_id_PubMed   11593011 
_citation.pdbx_database_id_DOI      10.1073/pnas.211536998 
# 
loop_
_citation_author.citation_id 
_citation_author.name 
_citation_author.ordinal 
_citation_author.identifier_ORCID 
primary 'Stanger, H.E.'  1 ? 
primary 'Syud, F.A.'     2 ? 
primary 'Espinosa, J.F.' 3 ? 
primary 'Giriat, I.'     4 ? 
primary 'Muir, T.'       5 ? 
primary 'Gellman, S.H.'  6 ? 
# 
_entity.id                         1 
_entity.type                       polymer 
_entity.src_method                 syn 
_entity.pdbx_description           DP-TT2 
_entity.formula_weight             2241.559 
_entity.pdbx_number_of_molecules   1 
_entity.pdbx_ec                    ? 
_entity.pdbx_mutation              ? 
_entity.pdbx_fragment              ? 
_entity.details                    ? 
# 
_entity_poly.entity_id                      1 
_entity_poly.type                           'polypeptide(L)' 
_entity_poly.nstd_linkage                   no 
_entity_poly.nstd_monomer                   yes 
_entity_poly.pdbx_seq_one_letter_code       'TTTTRYVEV(DPR)GKKILQTTTT' 
_entity_poly.pdbx_seq_one_letter_code_can   TTTTRYVEVPGKKILQTTTT 
_entity_poly.pdbx_strand_id                 A 
_entity_poly.pdbx_target_identifier         ? 
# 
loop_
_entity_poly_seq.entity_id 
_entity_poly_seq.num 
_entity_poly_seq.mon_id 
_entity_poly_seq.hetero 
1 1  THR n 
1 2  THR n 
1 3  THR n 
1 4  THR n 
1 5  ARG n 
1 6  TYR n 
1 7  VAL n 
1 8  GLU n 
1 9  VAL n 
1 10 DPR n 
1 11 GLY n 
1 12 LYS n 
1 13 LYS n 
1 14 ILE n 
1 15 LEU n 
1 16 GLN n 
1 17 THR n 
1 18 THR n 
1 19 THR n 
1 20 THR n 
# 
_pdbx_entity_src_syn.entity_id              1 
_pdbx_entity_src_syn.pdbx_src_id            1 
_pdbx_entity_src_syn.pdbx_alt_source_flag   sample 
_pdbx_entity_src_syn.pdbx_beg_seq_num       ? 
_pdbx_entity_src_syn.pdbx_end_seq_num       ? 
_pdbx_entity_src_syn.organism_scientific    ? 
_pdbx_entity_src_syn.organism_common_name   ? 
_pdbx_entity_src_syn.ncbi_taxonomy_id       ? 
_pdbx_entity_src_syn.details                'The peptide was synthesized by solid phase peptide synthesis.' 
# 
loop_
_chem_comp.id 
_chem_comp.type 
_chem_comp.mon_nstd_flag 
_chem_comp.name 
_chem_comp.pdbx_synonyms 
_chem_comp.formula 
_chem_comp.formula_weight 
ARG 'L-peptide linking' y ARGININE        ? 'C6 H15 N4 O2 1' 175.209 
DPR 'D-peptide linking' . D-PROLINE       ? 'C5 H9 N O2'     115.130 
GLN 'L-peptide linking' y GLUTAMINE       ? 'C5 H10 N2 O3'   146.144 
GLU 'L-peptide linking' y 'GLUTAMIC ACID' ? 'C5 H9 N O4'     147.129 
GLY 'peptide linking'   y GLYCINE         ? 'C2 H5 N O2'     75.067  
ILE 'L-peptide linking' y ISOLEUCINE      ? 'C6 H13 N O2'    131.173 
LEU 'L-peptide linking' y LEUCINE         ? 'C6 H13 N O2'    131.173 
LYS 'L-peptide linking' y LYSINE          ? 'C6 H15 N2 O2 1' 147.195 
THR 'L-peptide linking' y THREONINE       ? 'C4 H9 N O3'     119.119 
TYR 'L-peptide linking' y TYROSINE        ? 'C9 H11 N O3'    181.189 
VAL 'L-peptide linking' y VALINE          ? 'C5 H11 N O2'    117.146 
# 
loop_
_pdbx_poly_seq_scheme.asym_id 
_pdbx_poly_seq_scheme.entity_id 
_pdbx_poly_seq_scheme.seq_id 
_pdbx_poly_seq_scheme.mon_id 
_pdbx_poly_seq_scheme.ndb_seq_num 
_pdbx_poly_seq_scheme.pdb_seq_num 
_pdbx_poly_seq_scheme.auth_seq_num 
_pdbx_poly_seq_scheme.pdb_mon_id 
_pdbx_poly_seq_scheme.auth_mon_id 
_pdbx_poly_seq_scheme.pdb_strand_id 
_pdbx_poly_seq_scheme.pdb_ins_code 
_pdbx_poly_seq_scheme.hetero 
A 1 1  THR 1  1  1  THR THR A . n 
A 1 2  THR 2  2  2  THR THR A . n 
A 1 3  THR 3  3  3  THR THR A . n 
A 1 4  THR 4  4  4  THR THR A . n 
A 1 5  ARG 5  5  5  ARG ARG A . n 
A 1 6  TYR 6  6  6  TYR TYR A . n 
A 1 7  VAL 7  7  7  VAL VAL A . n 
A 1 8  GLU 8  8  8  GLU GLU A . n 
A 1 9  VAL 9  9  9  VAL VAL A . n 
A 1 10 DPR 10 10 10 DPR PRO A . n 
A 1 11 GLY 11 11 11 GLY GLY A . n 
A 1 12 LYS 12 12 12 LYS LYS A . n 
A 1 13 LYS 13 13 13 LYS LYS A . n 
A 1 14 ILE 14 14 14 ILE ILE A . n 
A 1 15 LEU 15 15 15 LEU LEU A . n 
A 1 16 GLN 16 16 16 GLN GLN A . n 
A 1 17 THR 17 17 17 THR THR A . n 
A 1 18 THR 18 18 18 THR THR A . n 
A 1 19 THR 19 19 19 THR THR A . n 
A 1 20 THR 20 20 20 THR THR A . n 
# 
_cell.entry_id           1JY9 
_cell.length_a           ? 
_cell.length_b           ? 
_cell.length_c           ? 
_cell.angle_alpha        ? 
_cell.angle_beta         ? 
_cell.angle_gamma        ? 
_cell.Z_PDB              1 
_cell.pdbx_unique_axis   ? 
# 
_exptl.entry_id          1JY9 
_exptl.method            'SOLUTION NMR' 
_exptl.crystals_number   ? 
# 
_exptl_crystal.id                    1 
_exptl_crystal.density_meas          ? 
_exptl_crystal.density_Matthews      ? 
_exptl_crystal.density_percent_sol   ? 
_exptl_crystal.description           ? 
# 
_diffrn.id                     1 
_diffrn.ambient_temp           ? 
_diffrn.ambient_temp_details   ? 
_diffrn.crystal_id             1 
# 
_diffrn_radiation.diffrn_id                        1 
_diffrn_radiation.wavelength_id                    1 
_diffrn_radiation.pdbx_monochromatic_or_laue_m_l   M 
_diffrn_radiation.monochromator                    ? 
_diffrn_radiation.pdbx_diffrn_protocol             'SINGLE WAVELENGTH' 
_diffrn_radiation.pdbx_scattering_type             ? 
# 
_diffrn_radiation_wavelength.id           1 
_diffrn_radiation_wavelength.wavelength   . 
_diffrn_radiation_wavelength.wt           1.0 
# 
_struct.entry_id                  1JY9 
_struct.title                     'MINIMIZED AVERAGE STRUCTURE OF DP-TT2' 
_struct.pdbx_model_details        ? 
_struct.pdbx_CASP_flag            ? 
_struct.pdbx_model_type_details   ? 
# 
_struct_keywords.entry_id        1JY9 
_struct_keywords.pdbx_keywords   'DE NOVO PROTEIN' 
_struct_keywords.text            'beta-hairpin, DE NOVO PROTEIN' 
# 
_struct_asym.id                            A 
_struct_asym.pdbx_blank_PDB_chainid_flag   N 
_struct_asym.pdbx_modified                 N 
_struct_asym.entity_id                     1 
_struct_asym.details                       ? 
# 
_struct_ref.id                         1 
_struct_ref.entity_id                  1 
_struct_ref.db_name                    PDB 
_struct_ref.db_code                    1JY9 
_struct_ref.pdbx_db_accession          1JY9 
_struct_ref.pdbx_db_isoform            ? 
_struct_ref.pdbx_seq_one_letter_code   ? 
_struct_ref.pdbx_align_begin           ? 
# 
_struct_ref_seq.align_id                      1 
_struct_ref_seq.ref_id                        1 
_struct_ref_seq.pdbx_PDB_id_code              1JY9 
_struct_ref_seq.pdbx_strand_id                A 
_struct_ref_seq.seq_align_beg                 1 
_struct_ref_seq.pdbx_seq_align_beg_ins_code   ? 
_struct_ref_seq.seq_align_end                 20 
_struct_ref_seq.pdbx_seq_align_end_ins_code   ? 
_struct_ref_seq.pdbx_db_accession             1JY9 
_struct_ref_seq.db_align_beg                  1 
_struct_ref_seq.pdbx_db_align_beg_ins_code    ? 
_struct_ref_seq.db_align_end                  20 
_struct_ref_seq.pdbx_db_align_end_ins_code    ? 
_struct_ref_seq.pdbx_auth_seq_align_beg       1 
_struct_ref_seq.pdbx_auth_seq_align_end       20 
# 
_pdbx_struct_assembly.id                   1 
_pdbx_struct_assembly.details              author_defined_assembly 
_pdbx_struct_assembly.method_details       ? 
_pdbx_struct_assembly.oligomeric_details   monomeric 
_pdbx_struct_assembly.oligomeric_count     1 
# 
_pdbx_struct_assembly_gen.assembly_id       1 
_pdbx_struct_assembly_gen.oper_expression   1 
_pdbx_struct_assembly_gen.asym_id_list      A 
# 
_pdbx_struct_oper_list.id                   1 
_pdbx_struct_oper_list.type                 'identity operation' 
_pdbx_struct_oper_list.name                 1_555 
_pdbx_struct_oper_list.symmetry_operation   x,y,z 
_pdbx_struct_oper_list.matrix[1][1]         1.0000000000 
_pdbx_struct_oper_list.matrix[1][2]         0.0000000000 
_pdbx_struct_oper_list.matrix[1][3]         0.0000000000 
_pdbx_struct_oper_list.vector[1]            0.0000000000 
_pdbx_struct_oper_list.matrix[2][1]         0.0000000000 
_pdbx_struct_oper_list.matrix[2][2]         1.0000000000 
_pdbx_struct_oper_list.matrix[2][3]         0.0000000000 
_pdbx_struct_oper_list.vector[2]            0.0000000000 
_pdbx_struct_oper_list.matrix[3][1]         0.0000000000 
_pdbx_struct_oper_list.matrix[3][2]         0.0000000000 
_pdbx_struct_oper_list.matrix[3][3]         1.0000000000 
_pdbx_struct_oper_list.vector[3]            0.0000000000 
# 
_struct_biol.id   1 
# 
loop_
_struct_conn.id 
_struct_conn.conn_type_id 
_struct_conn.pdbx_leaving_atom_flag 
_struct_conn.pdbx_PDB_id 
_struct_conn.ptnr1_label_asym_id 
_struct_conn.ptnr1_label_comp_id 
_struct_conn.ptnr1_label_seq_id 
_struct_conn.ptnr1_label_atom_id 
_struct_conn.pdbx_ptnr1_label_alt_id 
_struct_conn.pdbx_ptnr1_PDB_ins_code 
_struct_conn.pdbx_ptnr1_standard_comp_id 
_struct_conn.ptnr1_symmetry 
_struct_conn.ptnr2_label_asym_id 
_struct_conn.ptnr2_label_comp_id 
_struct_conn.ptnr2_label_seq_id 
_struct_conn.ptnr2_label_atom_id 
_struct_conn.pdbx_ptnr2_label_alt_id 
_struct_conn.pdbx_ptnr2_PDB_ins_code 
_struct_conn.ptnr1_auth_asym_id 
_struct_conn.ptnr1_auth_comp_id 
_struct_conn.ptnr1_auth_seq_id 
_struct_conn.ptnr2_auth_asym_id 
_struct_conn.ptnr2_auth_comp_id 
_struct_conn.ptnr2_auth_seq_id 
_struct_conn.ptnr2_symmetry 
_struct_conn.pdbx_ptnr3_label_atom_id 
_struct_conn.pdbx_ptnr3_label_seq_id 
_struct_conn.pdbx_ptnr3_label_comp_id 
_struct_conn.pdbx_ptnr3_label_asym_id 
_struct_conn.pdbx_ptnr3_label_alt_id 
_struct_conn.pdbx_ptnr3_PDB_ins_code 
_struct_conn.details 
_struct_conn.pdbx_dist_value 
_struct_conn.pdbx_value_order 
_struct_conn.pdbx_role 
covale1 covale both ? A VAL 9  C ? ? ? 1_555 A DPR 10 N ? ? A VAL 9  A DPR 10 1_555 ? ? ? ? ? ? ? 1.360 ? ? 
covale2 covale both ? A DPR 10 C ? ? ? 1_555 A GLY 11 N ? ? A DPR 10 A GLY 11 1_555 ? ? ? ? ? ? ? 1.324 ? ? 
# 
_struct_conn_type.id          covale 
_struct_conn_type.criteria    ? 
_struct_conn_type.reference   ? 
# 
_struct_sheet.id               A 
_struct_sheet.type             ? 
_struct_sheet.number_strands   2 
_struct_sheet.details          ? 
# 
_struct_sheet_order.sheet_id     A 
_struct_sheet_order.range_id_1   1 
_struct_sheet_order.range_id_2   2 
_struct_sheet_order.offset       ? 
_struct_sheet_order.sense        anti-parallel 
# 
loop_
_struct_sheet_range.sheet_id 
_struct_sheet_range.id 
_struct_sheet_range.beg_label_comp_id 
_struct_sheet_range.beg_label_asym_id 
_struct_sheet_range.beg_label_seq_id 
_struct_sheet_range.pdbx_beg_PDB_ins_code 
_struct_sheet_range.end_label_comp_id 
_struct_sheet_range.end_label_asym_id 
_struct_sheet_range.end_label_seq_id 
_struct_sheet_range.pdbx_end_PDB_ins_code 
_struct_sheet_range.beg_auth_comp_id 
_struct_sheet_range.beg_auth_asym_id 
_struct_sheet_range.beg_auth_seq_id 
_struct_sheet_range.end_auth_comp_id 
_struct_sheet_range.end_auth_asym_id 
_struct_sheet_range.end_auth_seq_id 
A 1 TYR A 6  ? VAL A 7  ? TYR A 6  VAL A 7  
A 2 ILE A 14 ? LEU A 15 ? ILE A 14 LEU A 15 
# 
_pdbx_struct_sheet_hbond.sheet_id                A 
_pdbx_struct_sheet_hbond.range_id_1              1 
_pdbx_struct_sheet_hbond.range_id_2              2 
_pdbx_struct_sheet_hbond.range_1_label_atom_id   N 
_pdbx_struct_sheet_hbond.range_1_label_comp_id   VAL 
_pdbx_struct_sheet_hbond.range_1_label_asym_id   A 
_pdbx_struct_sheet_hbond.range_1_label_seq_id    7 
_pdbx_struct_sheet_hbond.range_1_PDB_ins_code    ? 
_pdbx_struct_sheet_hbond.range_1_auth_atom_id    N 
_pdbx_struct_sheet_hbond.range_1_auth_comp_id    VAL 
_pdbx_struct_sheet_hbond.range_1_auth_asym_id    A 
_pdbx_struct_sheet_hbond.range_1_auth_seq_id     7 
_pdbx_struct_sheet_hbond.range_2_label_atom_id   O 
_pdbx_struct_sheet_hbond.range_2_label_comp_id   ILE 
_pdbx_struct_sheet_hbond.range_2_label_asym_id   A 
_pdbx_struct_sheet_hbond.range_2_label_seq_id    14 
_pdbx_struct_sheet_hbond.range_2_PDB_ins_code    ? 
_pdbx_struct_sheet_hbond.range_2_auth_atom_id    O 
_pdbx_struct_sheet_hbond.range_2_auth_comp_id    ILE 
_pdbx_struct_sheet_hbond.range_2_auth_asym_id    A 
_pdbx_struct_sheet_hbond.range_2_auth_seq_id     14 
# 
_pdbx_entry_details.entry_id                   1JY9 
_pdbx_entry_details.compound_details           ? 
_pdbx_entry_details.source_details             ? 
_pdbx_entry_details.nonpolymer_details         ? 
_pdbx_entry_details.sequence_details           ? 
_pdbx_entry_details.has_ligand_of_interest     ? 
_pdbx_entry_details.has_protein_modification   N 
# 
loop_
_pdbx_validate_torsion.id 
_pdbx_validate_torsion.PDB_model_num 
_pdbx_validate_torsion.auth_comp_id 
_pdbx_validate_torsion.auth_asym_id 
_pdbx_validate_torsion.auth_seq_id 
_pdbx_validate_torsion.PDB_ins_code 
_pdbx_validate_torsion.label_alt_id 
_pdbx_validate_torsion.phi 
_pdbx_validate_torsion.psi 
1 1 THR A 2  ? ? -174.13 -43.06  
2 1 LYS A 12 ? ? -160.13 -91.40  
3 1 LYS A 13 ? ? 179.80  -177.41 
4 1 ILE A 14 ? ? -176.36 147.94  
5 1 THR A 17 ? ? -153.93 37.29   
# 
_pdbx_struct_mod_residue.id               1 
_pdbx_struct_mod_residue.label_asym_id    A 
_pdbx_struct_mod_residue.label_comp_id    DPR 
_pdbx_struct_mod_residue.label_seq_id     10 
_pdbx_struct_mod_residue.auth_asym_id     A 
_pdbx_struct_mod_residue.auth_comp_id     DPR 
_pdbx_struct_mod_residue.auth_seq_id      10 
_pdbx_struct_mod_residue.PDB_ins_code     ? 
_pdbx_struct_mod_residue.parent_comp_id   PRO 
_pdbx_struct_mod_residue.details          D-PROLINE 
# 
_pdbx_database_remark.id     999 
_pdbx_database_remark.text   
;SEQUENCE
RESIDUE 12 IN THE PEPTIDE IS ORNITHINE.
FOR MODELLING, LYSINE WAS USED IN PLACE
OF ORNITHINE FOR EASE OF CALCULATION.
;
# 
_pdbx_nmr_ensemble.entry_id                             1JY9 
_pdbx_nmr_ensemble.conformers_calculated_total_number   ? 
_pdbx_nmr_ensemble.conformers_submitted_total_number    1 
_pdbx_nmr_ensemble.conformer_selection_criteria         ? 
# 
_pdbx_nmr_sample_details.solution_id      1 
_pdbx_nmr_sample_details.contents         '1 mM peptide' 
_pdbx_nmr_sample_details.solvent_system   '9:1 H2O:D2O, 100 mM Acetic Acid' 
# 
_pdbx_nmr_exptl_sample_conditions.conditions_id       1 
_pdbx_nmr_exptl_sample_conditions.temperature         277 
_pdbx_nmr_exptl_sample_conditions.pressure            ambient 
_pdbx_nmr_exptl_sample_conditions.pH                  3.8 
_pdbx_nmr_exptl_sample_conditions.ionic_strength      ? 
_pdbx_nmr_exptl_sample_conditions.pressure_units      ? 
_pdbx_nmr_exptl_sample_conditions.temperature_units   K 
# 
_pdbx_nmr_exptl.experiment_id   1 
_pdbx_nmr_exptl.solution_id     1 
_pdbx_nmr_exptl.conditions_id   1 
_pdbx_nmr_exptl.type            '2D NOESY' 
# 
_pdbx_nmr_details.entry_id   1JY9 
_pdbx_nmr_details.text       'ROESY to check for spin diffusion.' 
# 
_pdbx_nmr_refine.entry_id           1JY9 
_pdbx_nmr_refine.method             
;NOE intensities were qualitatively assigned to be strong, medium, weak or very weak, and assigned constraints of 3, 4, 5, and 6 respectively; a total of 32 restraints were used for DP-TT2. Restraints were checked using "distance check" function within DYANA which showed there were no "lonely" or possibly misassigned NOEs which could unduly influence the final conformation. DYANA was used to generate 500 random structures, which were subsequently annealed.  The best 10 structures (fewest restraint violations) were selected.  This entry contains the minimized average structure.
;
_pdbx_nmr_refine.details            ? 
_pdbx_nmr_refine.software_ordinal   1 
# 
loop_
_pdbx_nmr_software.name 
_pdbx_nmr_software.version 
_pdbx_nmr_software.classification 
_pdbx_nmr_software.authors 
_pdbx_nmr_software.ordinal 
DIANA 1.5 'structure solution' 'Guntert, Mumenthaler, Wuthrich' 1 
DIANA 1.5 refinement           'Guntert, Mumenthaler, Wuthrich' 2 
# 
loop_
_chem_comp_atom.comp_id 
_chem_comp_atom.atom_id 
_chem_comp_atom.type_symbol 
_chem_comp_atom.pdbx_aromatic_flag 
_chem_comp_atom.pdbx_stereo_config 
_chem_comp_atom.pdbx_ordinal 
ARG N    N N N 1   
ARG CA   C N S 2   
ARG C    C N N 3   
ARG O    O N N 4   
ARG CB   C N N 5   
ARG CG   C N N 6   
ARG CD   C N N 7   
ARG NE   N N N 8   
ARG CZ   C N N 9   
ARG NH1  N N N 10  
ARG NH2  N N N 11  
ARG OXT  O N N 12  
ARG H    H N N 13  
ARG H2   H N N 14  
ARG HA   H N N 15  
ARG HB2  H N N 16  
ARG HB3  H N N 17  
ARG HG2  H N N 18  
ARG HG3  H N N 19  
ARG HD2  H N N 20  
ARG HD3  H N N 21  
ARG HE   H N N 22  
ARG HH11 H N N 23  
ARG HH12 H N N 24  
ARG HH21 H N N 25  
ARG HH22 H N N 26  
ARG HXT  H N N 27  
DPR N    N N N 28  
DPR CA   C N R 29  
DPR CB   C N N 30  
DPR CG   C N N 31  
DPR CD   C N N 32  
DPR C    C N N 33  
DPR O    O N N 34  
DPR OXT  O N N 35  
DPR H    H N N 36  
DPR HA   H N N 37  
DPR HB2  H N N 38  
DPR HB3  H N N 39  
DPR HG2  H N N 40  
DPR HG3  H N N 41  
DPR HD2  H N N 42  
DPR HD3  H N N 43  
DPR HXT  H N N 44  
GLN N    N N N 45  
GLN CA   C N S 46  
GLN C    C N N 47  
GLN O    O N N 48  
GLN CB   C N N 49  
GLN CG   C N N 50  
GLN CD   C N N 51  
GLN OE1  O N N 52  
GLN NE2  N N N 53  
GLN OXT  O N N 54  
GLN H    H N N 55  
GLN H2   H N N 56  
GLN HA   H N N 57  
GLN HB2  H N N 58  
GLN HB3  H N N 59  
GLN HG2  H N N 60  
GLN HG3  H N N 61  
GLN HE21 H N N 62  
GLN HE22 H N N 63  
GLN HXT  H N N 64  
GLU N    N N N 65  
GLU CA   C N S 66  
GLU C    C N N 67  
GLU O    O N N 68  
GLU CB   C N N 69  
GLU CG   C N N 70  
GLU CD   C N N 71  
GLU OE1  O N N 72  
GLU OE2  O N N 73  
GLU OXT  O N N 74  
GLU H    H N N 75  
GLU H2   H N N 76  
GLU HA   H N N 77  
GLU HB2  H N N 78  
GLU HB3  H N N 79  
GLU HG2  H N N 80  
GLU HG3  H N N 81  
GLU HE2  H N N 82  
GLU HXT  H N N 83  
GLY N    N N N 84  
GLY CA   C N N 85  
GLY C    C N N 86  
GLY O    O N N 87  
GLY OXT  O N N 88  
GLY H    H N N 89  
GLY H2   H N N 90  
GLY HA2  H N N 91  
GLY HA3  H N N 92  
GLY HXT  H N N 93  
ILE N    N N N 94  
ILE CA   C N S 95  
ILE C    C N N 96  
ILE O    O N N 97  
ILE CB   C N S 98  
ILE CG1  C N N 99  
ILE CG2  C N N 100 
ILE CD1  C N N 101 
ILE OXT  O N N 102 
ILE H    H N N 103 
ILE H2   H N N 104 
ILE HA   H N N 105 
ILE HB   H N N 106 
ILE HG12 H N N 107 
ILE HG13 H N N 108 
ILE HG21 H N N 109 
ILE HG22 H N N 110 
ILE HG23 H N N 111 
ILE HD11 H N N 112 
ILE HD12 H N N 113 
ILE HD13 H N N 114 
ILE HXT  H N N 115 
LEU N    N N N 116 
LEU CA   C N S 117 
LEU C    C N N 118 
LEU O    O N N 119 
LEU CB   C N N 120 
LEU CG   C N N 121 
LEU CD1  C N N 122 
LEU CD2  C N N 123 
LEU OXT  O N N 124 
LEU H    H N N 125 
LEU H2   H N N 126 
LEU HA   H N N 127 
LEU HB2  H N N 128 
LEU HB3  H N N 129 
LEU HG   H N N 130 
LEU HD11 H N N 131 
LEU HD12 H N N 132 
LEU HD13 H N N 133 
LEU HD21 H N N 134 
LEU HD22 H N N 135 
LEU HD23 H N N 136 
LEU HXT  H N N 137 
LYS N    N N N 138 
LYS CA   C N S 139 
LYS C    C N N 140 
LYS O    O N N 141 
LYS CB   C N N 142 
LYS CG   C N N 143 
LYS CD   C N N 144 
LYS CE   C N N 145 
LYS NZ   N N N 146 
LYS OXT  O N N 147 
LYS H    H N N 148 
LYS H2   H N N 149 
LYS HA   H N N 150 
LYS HB2  H N N 151 
LYS HB3  H N N 152 
LYS HG2  H N N 153 
LYS HG3  H N N 154 
LYS HD2  H N N 155 
LYS HD3  H N N 156 
LYS HE2  H N N 157 
LYS HE3  H N N 158 
LYS HZ1  H N N 159 
LYS HZ2  H N N 160 
LYS HZ3  H N N 161 
LYS HXT  H N N 162 
THR N    N N N 163 
THR CA   C N S 164 
THR C    C N N 165 
THR O    O N N 166 
THR CB   C N R 167 
THR OG1  O N N 168 
THR CG2  C N N 169 
THR OXT  O N N 170 
THR H    H N N 171 
THR H2   H N N 172 
THR HA   H N N 173 
THR HB   H N N 174 
THR HG1  H N N 175 
THR HG21 H N N 176 
THR HG22 H N N 177 
THR HG23 H N N 178 
THR HXT  H N N 179 
TYR N    N N N 180 
TYR CA   C N S 181 
TYR C    C N N 182 
TYR O    O N N 183 
TYR CB   C N N 184 
TYR CG   C Y N 185 
TYR CD1  C Y N 186 
TYR CD2  C Y N 187 
TYR CE1  C Y N 188 
TYR CE2  C Y N 189 
TYR CZ   C Y N 190 
TYR OH   O N N 191 
TYR OXT  O N N 192 
TYR H    H N N 193 
TYR H2   H N N 194 
TYR HA   H N N 195 
TYR HB2  H N N 196 
TYR HB3  H N N 197 
TYR HD1  H N N 198 
TYR HD2  H N N 199 
TYR HE1  H N N 200 
TYR HE2  H N N 201 
TYR HH   H N N 202 
TYR HXT  H N N 203 
VAL N    N N N 204 
VAL CA   C N S 205 
VAL C    C N N 206 
VAL O    O N N 207 
VAL CB   C N N 208 
VAL CG1  C N N 209 
VAL CG2  C N N 210 
VAL OXT  O N N 211 
VAL H    H N N 212 
VAL H2   H N N 213 
VAL HA   H N N 214 
VAL HB   H N N 215 
VAL HG11 H N N 216 
VAL HG12 H N N 217 
VAL HG13 H N N 218 
VAL HG21 H N N 219 
VAL HG22 H N N 220 
VAL HG23 H N N 221 
VAL HXT  H N N 222 
# 
loop_
_chem_comp_bond.comp_id 
_chem_comp_bond.atom_id_1 
_chem_comp_bond.atom_id_2 
_chem_comp_bond.value_order 
_chem_comp_bond.pdbx_aromatic_flag 
_chem_comp_bond.pdbx_stereo_config 
_chem_comp_bond.pdbx_ordinal 
ARG N   CA   sing N N 1   
ARG N   H    sing N N 2   
ARG N   H2   sing N N 3   
ARG CA  C    sing N N 4   
ARG CA  CB   sing N N 5   
ARG CA  HA   sing N N 6   
ARG C   O    doub N N 7   
ARG C   OXT  sing N N 8   
ARG CB  CG   sing N N 9   
ARG CB  HB2  sing N N 10  
ARG CB  HB3  sing N N 11  
ARG CG  CD   sing N N 12  
ARG CG  HG2  sing N N 13  
ARG CG  HG3  sing N N 14  
ARG CD  NE   sing N N 15  
ARG CD  HD2  sing N N 16  
ARG CD  HD3  sing N N 17  
ARG NE  CZ   sing N N 18  
ARG NE  HE   sing N N 19  
ARG CZ  NH1  sing N N 20  
ARG CZ  NH2  doub N N 21  
ARG NH1 HH11 sing N N 22  
ARG NH1 HH12 sing N N 23  
ARG NH2 HH21 sing N N 24  
ARG NH2 HH22 sing N N 25  
ARG OXT HXT  sing N N 26  
DPR N   CA   sing N N 27  
DPR N   CD   sing N N 28  
DPR N   H    sing N N 29  
DPR CA  CB   sing N N 30  
DPR CA  C    sing N N 31  
DPR CA  HA   sing N N 32  
DPR CB  CG   sing N N 33  
DPR CB  HB2  sing N N 34  
DPR CB  HB3  sing N N 35  
DPR CG  CD   sing N N 36  
DPR CG  HG2  sing N N 37  
DPR CG  HG3  sing N N 38  
DPR CD  HD2  sing N N 39  
DPR CD  HD3  sing N N 40  
DPR C   O    doub N N 41  
DPR C   OXT  sing N N 42  
DPR OXT HXT  sing N N 43  
GLN N   CA   sing N N 44  
GLN N   H    sing N N 45  
GLN N   H2   sing N N 46  
GLN CA  C    sing N N 47  
GLN CA  CB   sing N N 48  
GLN CA  HA   sing N N 49  
GLN C   O    doub N N 50  
GLN C   OXT  sing N N 51  
GLN CB  CG   sing N N 52  
GLN CB  HB2  sing N N 53  
GLN CB  HB3  sing N N 54  
GLN CG  CD   sing N N 55  
GLN CG  HG2  sing N N 56  
GLN CG  HG3  sing N N 57  
GLN CD  OE1  doub N N 58  
GLN CD  NE2  sing N N 59  
GLN NE2 HE21 sing N N 60  
GLN NE2 HE22 sing N N 61  
GLN OXT HXT  sing N N 62  
GLU N   CA   sing N N 63  
GLU N   H    sing N N 64  
GLU N   H2   sing N N 65  
GLU CA  C    sing N N 66  
GLU CA  CB   sing N N 67  
GLU CA  HA   sing N N 68  
GLU C   O    doub N N 69  
GLU C   OXT  sing N N 70  
GLU CB  CG   sing N N 71  
GLU CB  HB2  sing N N 72  
GLU CB  HB3  sing N N 73  
GLU CG  CD   sing N N 74  
GLU CG  HG2  sing N N 75  
GLU CG  HG3  sing N N 76  
GLU CD  OE1  doub N N 77  
GLU CD  OE2  sing N N 78  
GLU OE2 HE2  sing N N 79  
GLU OXT HXT  sing N N 80  
GLY N   CA   sing N N 81  
GLY N   H    sing N N 82  
GLY N   H2   sing N N 83  
GLY CA  C    sing N N 84  
GLY CA  HA2  sing N N 85  
GLY CA  HA3  sing N N 86  
GLY C   O    doub N N 87  
GLY C   OXT  sing N N 88  
GLY OXT HXT  sing N N 89  
ILE N   CA   sing N N 90  
ILE N   H    sing N N 91  
ILE N   H2   sing N N 92  
ILE CA  C    sing N N 93  
ILE CA  CB   sing N N 94  
ILE CA  HA   sing N N 95  
ILE C   O    doub N N 96  
ILE C   OXT  sing N N 97  
ILE CB  CG1  sing N N 98  
ILE CB  CG2  sing N N 99  
ILE CB  HB   sing N N 100 
ILE CG1 CD1  sing N N 101 
ILE CG1 HG12 sing N N 102 
ILE CG1 HG13 sing N N 103 
ILE CG2 HG21 sing N N 104 
ILE CG2 HG22 sing N N 105 
ILE CG2 HG23 sing N N 106 
ILE CD1 HD11 sing N N 107 
ILE CD1 HD12 sing N N 108 
ILE CD1 HD13 sing N N 109 
ILE OXT HXT  sing N N 110 
LEU N   CA   sing N N 111 
LEU N   H    sing N N 112 
LEU N   H2   sing N N 113 
LEU CA  C    sing N N 114 
LEU CA  CB   sing N N 115 
LEU CA  HA   sing N N 116 
LEU C   O    doub N N 117 
LEU C   OXT  sing N N 118 
LEU CB  CG   sing N N 119 
LEU CB  HB2  sing N N 120 
LEU CB  HB3  sing N N 121 
LEU CG  CD1  sing N N 122 
LEU CG  CD2  sing N N 123 
LEU CG  HG   sing N N 124 
LEU CD1 HD11 sing N N 125 
LEU CD1 HD12 sing N N 126 
LEU CD1 HD13 sing N N 127 
LEU CD2 HD21 sing N N 128 
LEU CD2 HD22 sing N N 129 
LEU CD2 HD23 sing N N 130 
LEU OXT HXT  sing N N 131 
LYS N   CA   sing N N 132 
LYS N   H    sing N N 133 
LYS N   H2   sing N N 134 
LYS CA  C    sing N N 135 
LYS CA  CB   sing N N 136 
LYS CA  HA   sing N N 137 
LYS C   O    doub N N 138 
LYS C   OXT  sing N N 139 
LYS CB  CG   sing N N 140 
LYS CB  HB2  sing N N 141 
LYS CB  HB3  sing N N 142 
LYS CG  CD   sing N N 143 
LYS CG  HG2  sing N N 144 
LYS CG  HG3  sing N N 145 
LYS CD  CE   sing N N 146 
LYS CD  HD2  sing N N 147 
LYS CD  HD3  sing N N 148 
LYS CE  NZ   sing N N 149 
LYS CE  HE2  sing N N 150 
LYS CE  HE3  sing N N 151 
LYS NZ  HZ1  sing N N 152 
LYS NZ  HZ2  sing N N 153 
LYS NZ  HZ3  sing N N 154 
LYS OXT HXT  sing N N 155 
THR N   CA   sing N N 156 
THR N   H    sing N N 157 
THR N   H2   sing N N 158 
THR CA  C    sing N N 159 
THR CA  CB   sing N N 160 
THR CA  HA   sing N N 161 
THR C   O    doub N N 162 
THR C   OXT  sing N N 163 
THR CB  OG1  sing N N 164 
THR CB  CG2  sing N N 165 
THR CB  HB   sing N N 166 
THR OG1 HG1  sing N N 167 
THR CG2 HG21 sing N N 168 
THR CG2 HG22 sing N N 169 
THR CG2 HG23 sing N N 170 
THR OXT HXT  sing N N 171 
TYR N   CA   sing N N 172 
TYR N   H    sing N N 173 
TYR N   H2   sing N N 174 
TYR CA  C    sing N N 175 
TYR CA  CB   sing N N 176 
TYR CA  HA   sing N N 177 
TYR C   O    doub N N 178 
TYR C   OXT  sing N N 179 
TYR CB  CG   sing N N 180 
TYR CB  HB2  sing N N 181 
TYR CB  HB3  sing N N 182 
TYR CG  CD1  doub Y N 183 
TYR CG  CD2  sing Y N 184 
TYR CD1 CE1  sing Y N 185 
TYR CD1 HD1  sing N N 186 
TYR CD2 CE2  doub Y N 187 
TYR CD2 HD2  sing N N 188 
TYR CE1 CZ   doub Y N 189 
TYR CE1 HE1  sing N N 190 
TYR CE2 CZ   sing Y N 191 
TYR CE2 HE2  sing N N 192 
TYR CZ  OH   sing N N 193 
TYR OH  HH   sing N N 194 
TYR OXT HXT  sing N N 195 
VAL N   CA   sing N N 196 
VAL N   H    sing N N 197 
VAL N   H2   sing N N 198 
VAL CA  C    sing N N 199 
VAL CA  CB   sing N N 200 
VAL CA  HA   sing N N 201 
VAL C   O    doub N N 202 
VAL C   OXT  sing N N 203 
VAL CB  CG1  sing N N 204 
VAL CB  CG2  sing N N 205 
VAL CB  HB   sing N N 206 
VAL CG1 HG11 sing N N 207 
VAL CG1 HG12 sing N N 208 
VAL CG1 HG13 sing N N 209 
VAL CG2 HG21 sing N N 210 
VAL CG2 HG22 sing N N 211 
VAL CG2 HG23 sing N N 212 
VAL OXT HXT  sing N N 213 
# 
_pdbx_nmr_spectrometer.spectrometer_id   1 
_pdbx_nmr_spectrometer.type              ? 
_pdbx_nmr_spectrometer.manufacturer      Varian 
_pdbx_nmr_spectrometer.model             INOVA 
_pdbx_nmr_spectrometer.field_strength    600 
# 
_atom_sites.entry_id                    1JY9 
_atom_sites.fract_transf_matrix[1][1]   1.000000 
_atom_sites.fract_transf_matrix[1][2]   0.000000 
_atom_sites.fract_transf_matrix[1][3]   0.000000 
_atom_sites.fract_transf_matrix[2][1]   0.000000 
_atom_sites.fract_transf_matrix[2][2]   1.000000 
_atom_sites.fract_transf_matrix[2][3]   0.000000 
_atom_sites.fract_transf_matrix[3][1]   0.000000 
_atom_sites.fract_transf_matrix[3][2]   0.000000 
_atom_sites.fract_transf_matrix[3][3]   1.000000 
_atom_sites.fract_transf_vector[1]      0.00000 
_atom_sites.fract_transf_vector[2]      0.00000 
_atom_sites.fract_transf_vector[3]      0.00000 
# 
loop_
_atom_type.symbol 
C 
H 
N 
O 
# 
loop_
_atom_site.group_PDB 
_atom_site.id 
_atom_site.type_symbol 
_atom_site.label_atom_id 
_atom_site.label_alt_id 
_atom_site.label_comp_id 
_atom_site.label_asym_id 
_atom_site.label_entity_id 
_atom_site.label_seq_id 
_atom_site.pdbx_PDB_ins_code 
_atom_site.Cartn_x 
_atom_site.Cartn_y 
_atom_site.Cartn_z 
_atom_site.occupancy 
_atom_site.B_iso_or_equiv 
_atom_site.pdbx_formal_charge 
_atom_site.auth_seq_id 
_atom_site.auth_comp_id 
_atom_site.auth_asym_id 
_atom_site.auth_atom_id 
_atom_site.pdbx_PDB_model_num 
ATOM   1   N N    . THR A 1 1  ? 8.332   -0.917 -1.835  1.00 0.00 ? 1  THR A N    1 
ATOM   2   C CA   . THR A 1 1  ? 7.790   -1.777 -0.797  1.00 0.00 ? 1  THR A CA   1 
ATOM   3   C C    . THR A 1 1  ? 8.521   -1.539 0.527   1.00 0.00 ? 1  THR A C    1 
ATOM   4   O O    . THR A 1 1  ? 9.276   -2.396 0.986   1.00 0.00 ? 1  THR A O    1 
ATOM   5   C CB   . THR A 1 1  ? 7.876   -3.224 -1.287  1.00 0.00 ? 1  THR A CB   1 
ATOM   6   O OG1  . THR A 1 1  ? 7.342   -3.988 -0.210  1.00 0.00 ? 1  THR A OG1  1 
ATOM   7   C CG2  . THR A 1 1  ? 9.320   -3.714 -1.412  1.00 0.00 ? 1  THR A CG2  1 
ATOM   8   H H    . THR A 1 1  ? 9.049   -1.332 -2.395  1.00 0.00 ? 1  THR A H    1 
ATOM   9   H HA   . THR A 1 1  ? 6.746   -1.508 -0.637  1.00 0.00 ? 1  THR A HA   1 
ATOM   10  H HB   . THR A 1 1  ? 7.339   -3.348 -2.227  1.00 0.00 ? 1  THR A HB   1 
ATOM   11  H HG1  . THR A 1 1  ? 7.922   -3.890 0.599   1.00 0.00 ? 1  THR A HG1  1 
ATOM   12  H HG21 . THR A 1 1  ? 9.464   -4.172 -2.391  1.00 0.00 ? 1  THR A HG21 1 
ATOM   13  H HG22 . THR A 1 1  ? 10.001  -2.870 -1.302  1.00 0.00 ? 1  THR A HG22 1 
ATOM   14  H HG23 . THR A 1 1  ? 9.523   -4.449 -0.634  1.00 0.00 ? 1  THR A HG23 1 
ATOM   15  N N    . THR A 1 2  ? 8.270   -0.373 1.104   1.00 0.00 ? 2  THR A N    1 
ATOM   16  C CA   . THR A 1 2  ? 8.894   -0.013 2.365   1.00 0.00 ? 2  THR A CA   1 
ATOM   17  C C    . THR A 1 2  ? 8.327   1.311  2.882   1.00 0.00 ? 2  THR A C    1 
ATOM   18  O O    . THR A 1 2  ? 8.042   1.447  4.071   1.00 0.00 ? 2  THR A O    1 
ATOM   19  C CB   . THR A 1 2  ? 10.409  0.017  2.152   1.00 0.00 ? 2  THR A CB   1 
ATOM   20  O OG1  . THR A 1 2  ? 10.921  0.553  3.369   1.00 0.00 ? 2  THR A OG1  1 
ATOM   21  C CG2  . THR A 1 2  ? 10.831  1.034  1.090   1.00 0.00 ? 2  THR A CG2  1 
ATOM   22  H H    . THR A 1 2  ? 7.655   0.317  0.724   1.00 0.00 ? 2  THR A H    1 
ATOM   23  H HA   . THR A 1 2  ? 8.646   -0.776 3.103   1.00 0.00 ? 2  THR A HA   1 
ATOM   24  H HB   . THR A 1 2  ? 10.788  -0.977 1.911   1.00 0.00 ? 2  THR A HB   1 
ATOM   25  H HG1  . THR A 1 2  ? 10.542  0.053  4.148   1.00 0.00 ? 2  THR A HG1  1 
ATOM   26  H HG21 . THR A 1 2  ? 10.451  0.724  0.117   1.00 0.00 ? 2  THR A HG21 1 
ATOM   27  H HG22 . THR A 1 2  ? 10.424  2.014  1.344   1.00 0.00 ? 2  THR A HG22 1 
ATOM   28  H HG23 . THR A 1 2  ? 11.919  1.092  1.054   1.00 0.00 ? 2  THR A HG23 1 
ATOM   29  N N    . THR A 1 3  ? 8.181   2.254  1.962   1.00 0.00 ? 3  THR A N    1 
ATOM   30  C CA   . THR A 1 3  ? 7.654   3.563  2.310   1.00 0.00 ? 3  THR A CA   1 
ATOM   31  C C    . THR A 1 3  ? 6.129   3.575  2.182   1.00 0.00 ? 3  THR A C    1 
ATOM   32  O O    . THR A 1 3  ? 5.508   2.526  2.022   1.00 0.00 ? 3  THR A O    1 
ATOM   33  C CB   . THR A 1 3  ? 8.347   4.601  1.426   1.00 0.00 ? 3  THR A CB   1 
ATOM   34  O OG1  . THR A 1 3  ? 8.110   4.141  0.099   1.00 0.00 ? 3  THR A OG1  1 
ATOM   35  C CG2  . THR A 1 3  ? 9.871   4.567  1.566   1.00 0.00 ? 3  THR A CG2  1 
ATOM   36  H H    . THR A 1 3  ? 8.415   2.136  0.998   1.00 0.00 ? 3  THR A H    1 
ATOM   37  H HA   . THR A 1 3  ? 7.889   3.760  3.357   1.00 0.00 ? 3  THR A HA   1 
ATOM   38  H HB   . THR A 1 3  ? 7.960   5.601  1.625   1.00 0.00 ? 3  THR A HB   1 
ATOM   39  H HG1  . THR A 1 3  ? 7.333   4.629  -0.299  1.00 0.00 ? 3  THR A HG1  1 
ATOM   40  H HG21 . THR A 1 3  ? 10.154  3.775  2.259   1.00 0.00 ? 3  THR A HG21 1 
ATOM   41  H HG22 . THR A 1 3  ? 10.321  4.376  0.592   1.00 0.00 ? 3  THR A HG22 1 
ATOM   42  H HG23 . THR A 1 3  ? 10.222  5.526  1.947   1.00 0.00 ? 3  THR A HG23 1 
ATOM   43  N N    . THR A 1 4  ? 5.571   4.774  2.255   1.00 0.00 ? 4  THR A N    1 
ATOM   44  C CA   . THR A 1 4  ? 4.131   4.937  2.148   1.00 0.00 ? 4  THR A CA   1 
ATOM   45  C C    . THR A 1 4  ? 3.703   4.948  0.679   1.00 0.00 ? 4  THR A C    1 
ATOM   46  O O    . THR A 1 4  ? 3.928   5.929  -0.030  1.00 0.00 ? 4  THR A O    1 
ATOM   47  C CB   . THR A 1 4  ? 3.742   6.209  2.903   1.00 0.00 ? 4  THR A CB   1 
ATOM   48  O OG1  . THR A 1 4  ? 3.866   5.848  4.276   1.00 0.00 ? 4  THR A OG1  1 
ATOM   49  C CG2  . THR A 1 4  ? 2.261   6.556  2.742   1.00 0.00 ? 4  THR A CG2  1 
ATOM   50  H H    . THR A 1 4  ? 6.084   5.623  2.385   1.00 0.00 ? 4  THR A H    1 
ATOM   51  H HA   . THR A 1 4  ? 3.653   4.076  2.613   1.00 0.00 ? 4  THR A HA   1 
ATOM   52  H HB   . THR A 1 4  ? 4.372   7.047  2.606   1.00 0.00 ? 4  THR A HB   1 
ATOM   53  H HG1  . THR A 1 4  ? 3.178   5.163  4.514   1.00 0.00 ? 4  THR A HG1  1 
ATOM   54  H HG21 . THR A 1 4  ? 2.005   6.576  1.682   1.00 0.00 ? 4  THR A HG21 1 
ATOM   55  H HG22 . THR A 1 4  ? 1.655   5.805  3.247   1.00 0.00 ? 4  THR A HG22 1 
ATOM   56  H HG23 . THR A 1 4  ? 2.066   7.534  3.181   1.00 0.00 ? 4  THR A HG23 1 
ATOM   57  N N    . ARG A 1 5  ? 3.096   3.847  0.264   1.00 0.00 ? 5  ARG A N    1 
ATOM   58  C CA   . ARG A 1 5  ? 2.636   3.716  -1.109  1.00 0.00 ? 5  ARG A CA   1 
ATOM   59  C C    . ARG A 1 5  ? 1.131   3.452  -1.141  1.00 0.00 ? 5  ARG A C    1 
ATOM   60  O O    . ARG A 1 5  ? 0.506   3.265  -0.097  1.00 0.00 ? 5  ARG A O    1 
ATOM   61  C CB   . ARG A 1 5  ? 3.363   2.577  -1.827  1.00 0.00 ? 5  ARG A CB   1 
ATOM   62  C CG   . ARG A 1 5  ? 3.078   1.233  -1.152  1.00 0.00 ? 5  ARG A CG   1 
ATOM   63  C CD   . ARG A 1 5  ? 3.403   0.070  -2.091  1.00 0.00 ? 5  ARG A CD   1 
ATOM   64  N NE   . ARG A 1 5  ? 2.410   -1.014 -1.915  1.00 0.00 ? 5  ARG A NE   1 
ATOM   65  C CZ   . ARG A 1 5  ? 2.635   -2.305 -2.239  1.00 0.00 ? 5  ARG A CZ   1 
ATOM   66  N NH1  . ARG A 1 5  ? 3.821   -2.686 -2.758  1.00 0.00 ? 5  ARG A NH1  1 
ATOM   67  N NH2  . ARG A 1 5  ? 1.675   -3.190 -2.041  1.00 0.00 ? 5  ARG A NH2  1 
ATOM   68  H H    . ARG A 1 5  ? 2.916   3.053  0.847   1.00 0.00 ? 5  ARG A H    1 
ATOM   69  H HA   . ARG A 1 5  ? 2.877   4.672  -1.574  1.00 0.00 ? 5  ARG A HA   1 
ATOM   70  H HB2  . ARG A 1 5  ? 3.046   2.540  -2.870  1.00 0.00 ? 5  ARG A HB2  1 
ATOM   71  H HB3  . ARG A 1 5  ? 4.436   2.768  -1.826  1.00 0.00 ? 5  ARG A HB3  1 
ATOM   72  H HG2  . ARG A 1 5  ? 3.669   1.148  -0.241  1.00 0.00 ? 5  ARG A HG2  1 
ATOM   73  H HG3  . ARG A 1 5  ? 2.029   1.186  -0.858  1.00 0.00 ? 5  ARG A HG3  1 
ATOM   74  H HD2  . ARG A 1 5  ? 3.400   0.413  -3.125  1.00 0.00 ? 5  ARG A HD2  1 
ATOM   75  H HD3  . ARG A 1 5  ? 4.405   -0.307 -1.883  1.00 0.00 ? 5  ARG A HD3  1 
ATOM   76  H HE   . ARG A 1 5  ? 1.517   -0.774 -1.534  1.00 0.00 ? 5  ARG A HE   1 
ATOM   77  H HH11 . ARG A 1 5  ? 4.543   -2.008 -2.905  1.00 0.00 ? 5  ARG A HH11 1 
ATOM   78  H HH12 . ARG A 1 5  ? 3.979   -3.644 -2.995  1.00 0.00 ? 5  ARG A HH12 1 
ATOM   79  H HH21 . ARG A 1 5  ? 1.760   -4.164 -2.253  1.00 0.00 ? 5  ARG A HH21 1 
ATOM   80  N N    . TYR A 1 6  ? 0.589   3.445  -2.351  1.00 0.00 ? 6  TYR A N    1 
ATOM   81  C CA   . TYR A 1 6  ? -0.833  3.208  -2.533  1.00 0.00 ? 6  TYR A CA   1 
ATOM   82  C C    . TYR A 1 6  ? -1.079  2.144  -3.604  1.00 0.00 ? 6  TYR A C    1 
ATOM   83  O O    . TYR A 1 6  ? -1.191  2.462  -4.786  1.00 0.00 ? 6  TYR A O    1 
ATOM   84  C CB   . TYR A 1 6  ? -1.425  4.538  -3.006  1.00 0.00 ? 6  TYR A CB   1 
ATOM   85  C CG   . TYR A 1 6  ? -2.058  5.369  -1.890  1.00 0.00 ? 6  TYR A CG   1 
ATOM   86  C CD1  . TYR A 1 6  ? -3.190  4.912  -1.246  1.00 0.00 ? 6  TYR A CD1  1 
ATOM   87  C CD2  . TYR A 1 6  ? -1.499  6.578  -1.527  1.00 0.00 ? 6  TYR A CD2  1 
ATOM   88  C CE1  . TYR A 1 6  ? -3.787  5.695  -0.195  1.00 0.00 ? 6  TYR A CE1  1 
ATOM   89  C CE2  . TYR A 1 6  ? -2.096  7.361  -0.476  1.00 0.00 ? 6  TYR A CE2  1 
ATOM   90  C CZ   . TYR A 1 6  ? -3.210  6.881  0.138   1.00 0.00 ? 6  TYR A CZ   1 
ATOM   91  O OH   . TYR A 1 6  ? -3.774  7.621  1.130   1.00 0.00 ? 6  TYR A OH   1 
ATOM   92  H H    . TYR A 1 6  ? 1.104   3.597  -3.194  1.00 0.00 ? 6  TYR A H    1 
ATOM   93  H HA   . TYR A 1 6  ? -1.241  2.859  -1.584  1.00 0.00 ? 6  TYR A HA   1 
ATOM   94  H HB2  . TYR A 1 6  ? -0.639  5.124  -3.481  1.00 0.00 ? 6  TYR A HB2  1 
ATOM   95  H HB3  . TYR A 1 6  ? -2.177  4.337  -3.768  1.00 0.00 ? 6  TYR A HB3  1 
ATOM   96  H HD1  . TYR A 1 6  ? -3.633  3.958  -1.533  1.00 0.00 ? 6  TYR A HD1  1 
ATOM   97  H HD2  . TYR A 1 6  ? -0.605  6.939  -2.035  1.00 0.00 ? 6  TYR A HD2  1 
ATOM   98  H HE1  . TYR A 1 6  ? -4.681  5.345  0.321   1.00 0.00 ? 6  TYR A HE1  1 
ATOM   99  H HE2  . TYR A 1 6  ? -1.664  8.317  -0.179  1.00 0.00 ? 6  TYR A HE2  1 
ATOM   100 H HH   . TYR A 1 6  ? -3.546  8.586  1.008   1.00 0.00 ? 6  TYR A HH   1 
ATOM   101 N N    . VAL A 1 7  ? -1.156  0.901  -3.151  1.00 0.00 ? 7  VAL A N    1 
ATOM   102 C CA   . VAL A 1 7  ? -1.385  -0.212 -4.055  1.00 0.00 ? 7  VAL A CA   1 
ATOM   103 C C    . VAL A 1 7  ? -2.875  -0.291 -4.393  1.00 0.00 ? 7  VAL A C    1 
ATOM   104 O O    . VAL A 1 7  ? -3.717  0.134  -3.604  1.00 0.00 ? 7  VAL A O    1 
ATOM   105 C CB   . VAL A 1 7  ? -0.842  -1.505 -3.443  1.00 0.00 ? 7  VAL A CB   1 
ATOM   106 C CG1  . VAL A 1 7  ? -1.864  -2.135 -2.496  1.00 0.00 ? 7  VAL A CG1  1 
ATOM   107 C CG2  . VAL A 1 7  ? -0.421  -2.493 -4.533  1.00 0.00 ? 7  VAL A CG2  1 
ATOM   108 H H    . VAL A 1 7  ? -1.065  0.651  -2.187  1.00 0.00 ? 7  VAL A H    1 
ATOM   109 H HA   . VAL A 1 7  ? -0.828  -0.012 -4.971  1.00 0.00 ? 7  VAL A HA   1 
ATOM   110 H HB   . VAL A 1 7  ? 0.045   -1.253 -2.860  1.00 0.00 ? 7  VAL A HB   1 
ATOM   111 H HG11 . VAL A 1 7  ? -2.634  -1.403 -2.253  1.00 0.00 ? 7  VAL A HG11 1 
ATOM   112 H HG12 . VAL A 1 7  ? -2.323  -2.998 -2.979  1.00 0.00 ? 7  VAL A HG12 1 
ATOM   113 H HG13 . VAL A 1 7  ? -1.364  -2.454 -1.581  1.00 0.00 ? 7  VAL A HG13 1 
ATOM   114 H HG21 . VAL A 1 7  ? -1.091  -2.398 -5.387  1.00 0.00 ? 7  VAL A HG21 1 
ATOM   115 H HG22 . VAL A 1 7  ? 0.601   -2.277 -4.845  1.00 0.00 ? 7  VAL A HG22 1 
ATOM   116 H HG23 . VAL A 1 7  ? -0.473  -3.509 -4.141  1.00 0.00 ? 7  VAL A HG23 1 
ATOM   117 N N    . GLU A 1 8  ? -3.156  -0.840 -5.566  1.00 0.00 ? 8  GLU A N    1 
ATOM   118 C CA   . GLU A 1 8  ? -4.529  -0.979 -6.018  1.00 0.00 ? 8  GLU A CA   1 
ATOM   119 C C    . GLU A 1 8  ? -5.183  -2.196 -5.360  1.00 0.00 ? 8  GLU A C    1 
ATOM   120 O O    . GLU A 1 8  ? -4.761  -3.330 -5.585  1.00 0.00 ? 8  GLU A O    1 
ATOM   121 C CB   . GLU A 1 8  ? -4.598  -1.077 -7.544  1.00 0.00 ? 8  GLU A CB   1 
ATOM   122 C CG   . GLU A 1 8  ? -3.941  -2.367 -8.040  1.00 0.00 ? 8  GLU A CG   1 
ATOM   123 C CD   . GLU A 1 8  ? -3.367  -2.183 -9.447  1.00 0.00 ? 8  GLU A CD   1 
ATOM   124 O OE1  . GLU A 1 8  ? -2.140  -2.157 -9.618  1.00 0.00 ? 8  GLU A OE1  1 
ATOM   125 O OE2  . GLU A 1 8  ? -4.247  -2.064 -10.382 1.00 0.00 ? 8  GLU A OE2  1 
ATOM   126 H H    . GLU A 1 8  ? -2.465  -1.184 -6.202  1.00 0.00 ? 8  GLU A H    1 
ATOM   127 H HA   . GLU A 1 8  ? -5.035  -0.068 -5.695  1.00 0.00 ? 8  GLU A HA   1 
ATOM   128 H HB2  . GLU A 1 8  ? -5.639  -1.047 -7.867  1.00 0.00 ? 8  GLU A HB2  1 
ATOM   129 H HB3  . GLU A 1 8  ? -4.101  -0.215 -7.989  1.00 0.00 ? 8  GLU A HB3  1 
ATOM   130 H HG2  . GLU A 1 8  ? -3.145  -2.660 -7.355  1.00 0.00 ? 8  GLU A HG2  1 
ATOM   131 H HG3  . GLU A 1 8  ? -4.672  -3.173 -8.044  1.00 0.00 ? 8  GLU A HG3  1 
ATOM   132 H HE2  . GLU A 1 8  ? -4.103  -2.768 -11.078 1.00 0.00 ? 8  GLU A HE2  1 
ATOM   133 N N    . VAL A 1 9  ? -6.204  -1.920 -4.561  1.00 0.00 ? 9  VAL A N    1 
ATOM   134 C CA   . VAL A 1 9  ? -6.920  -2.979 -3.869  1.00 0.00 ? 9  VAL A CA   1 
ATOM   135 C C    . VAL A 1 9  ? -8.414  -2.652 -3.854  1.00 0.00 ? 9  VAL A C    1 
ATOM   136 O O    . VAL A 1 9  ? -8.808  -1.518 -4.125  1.00 0.00 ? 9  VAL A O    1 
ATOM   137 C CB   . VAL A 1 9  ? -6.337  -3.176 -2.469  1.00 0.00 ? 9  VAL A CB   1 
ATOM   138 C CG1  . VAL A 1 9  ? -4.841  -2.851 -2.446  1.00 0.00 ? 9  VAL A CG1  1 
ATOM   139 C CG2  . VAL A 1 9  ? -7.095  -2.338 -1.436  1.00 0.00 ? 9  VAL A CG2  1 
ATOM   140 H H    . VAL A 1 9  ? -6.541  -0.996 -4.384  1.00 0.00 ? 9  VAL A H    1 
ATOM   141 H HA   . VAL A 1 9  ? -6.768  -3.900 -4.431  1.00 0.00 ? 9  VAL A HA   1 
ATOM   142 H HB   . VAL A 1 9  ? -6.455  -4.226 -2.201  1.00 0.00 ? 9  VAL A HB   1 
ATOM   143 H HG11 . VAL A 1 9  ? -4.685  -1.837 -2.811  1.00 0.00 ? 9  VAL A HG11 1 
ATOM   144 H HG12 . VAL A 1 9  ? -4.467  -2.933 -1.426  1.00 0.00 ? 9  VAL A HG12 1 
ATOM   145 H HG13 . VAL A 1 9  ? -4.308  -3.555 -3.085  1.00 0.00 ? 9  VAL A HG13 1 
ATOM   146 H HG21 . VAL A 1 9  ? -7.138  -1.302 -1.771  1.00 0.00 ? 9  VAL A HG21 1 
ATOM   147 H HG22 . VAL A 1 9  ? -8.108  -2.727 -1.327  1.00 0.00 ? 9  VAL A HG22 1 
ATOM   148 H HG23 . VAL A 1 9  ? -6.581  -2.391 -0.477  1.00 0.00 ? 9  VAL A HG23 1 
HETATM 149 N N    . DPR A 1 10 ? -9.227  -3.692 -3.528  1.00 0.00 ? 10 DPR A N    1 
HETATM 150 C CA   . DPR A 1 10 ? -10.669 -3.527 -3.474  1.00 0.00 ? 10 DPR A CA   1 
HETATM 151 C CB   . DPR A 1 10 ? -11.230 -4.939 -3.522  1.00 0.00 ? 10 DPR A CB   1 
HETATM 152 C CG   . DPR A 1 10 ? -10.080 -5.856 -3.134  1.00 0.00 ? 10 DPR A CG   1 
HETATM 153 C CD   . DPR A 1 10 ? -8.795  -5.049 -3.202  1.00 0.00 ? 10 DPR A CD   1 
HETATM 154 C C    . DPR A 1 10 ? -11.153 -2.686 -4.657  1.00 0.00 ? 10 DPR A C    1 
HETATM 155 O O    . DPR A 1 10 ? -12.105 -1.918 -4.528  1.00 0.00 ? 10 DPR A O    1 
HETATM 156 H HA   . DPR A 1 10 ? -10.942 -3.026 -2.654  1.00 0.00 ? 10 DPR A HA   1 
HETATM 157 H HB2  . DPR A 1 10 ? -12.068 -5.051 -2.835  1.00 0.00 ? 10 DPR A HB2  1 
HETATM 158 H HB3  . DPR A 1 10 ? -11.600 -5.179 -4.520  1.00 0.00 ? 10 DPR A HB3  1 
HETATM 159 H HG2  . DPR A 1 10 ? -10.232 -6.251 -2.128  1.00 0.00 ? 10 DPR A HG2  1 
HETATM 160 H HG3  . DPR A 1 10 ? -10.031 -6.712 -3.806  1.00 0.00 ? 10 DPR A HG3  1 
HETATM 161 H HD2  . DPR A 1 10 ? -8.259  -5.076 -2.254  1.00 0.00 ? 10 DPR A HD2  1 
HETATM 162 H HD3  . DPR A 1 10 ? -8.120  -5.443 -3.962  1.00 0.00 ? 10 DPR A HD3  1 
ATOM   163 N N    . GLY A 1 11 ? -10.474 -2.857 -5.782  1.00 0.00 ? 11 GLY A N    1 
ATOM   164 C CA   . GLY A 1 11 ? -10.823 -2.122 -6.986  1.00 0.00 ? 11 GLY A CA   1 
ATOM   165 C C    . GLY A 1 11 ? -10.749 -0.612 -6.748  1.00 0.00 ? 11 GLY A C    1 
ATOM   166 O O    . GLY A 1 11 ? -11.618 0.133  -7.196  1.00 0.00 ? 11 GLY A O    1 
ATOM   167 H H    . GLY A 1 11 ? -9.701  -3.484 -5.879  1.00 0.00 ? 11 GLY A H    1 
ATOM   168 H HA2  . GLY A 1 11 ? -10.147 -2.400 -7.794  1.00 0.00 ? 11 GLY A HA2  1 
ATOM   169 H HA3  . GLY A 1 11 ? -11.830 -2.394 -7.303  1.00 0.00 ? 11 GLY A HA3  1 
ATOM   170 N N    . LYS A 1 12 ? -9.701  -0.208 -6.044  1.00 0.00 ? 12 LYS A N    1 
ATOM   171 C CA   . LYS A 1 12 ? -9.502  1.199  -5.740  1.00 0.00 ? 12 LYS A CA   1 
ATOM   172 C C    . LYS A 1 12 ? -8.035  1.435  -5.377  1.00 0.00 ? 12 LYS A C    1 
ATOM   173 O O    . LYS A 1 12 ? -7.210  1.694  -6.251  1.00 0.00 ? 12 LYS A O    1 
ATOM   174 C CB   . LYS A 1 12 ? -10.485 1.659  -4.660  1.00 0.00 ? 12 LYS A CB   1 
ATOM   175 C CG   . LYS A 1 12 ? -11.770 2.203  -5.285  1.00 0.00 ? 12 LYS A CG   1 
ATOM   176 C CD   . LYS A 1 12 ? -12.370 3.317  -4.424  1.00 0.00 ? 12 LYS A CD   1 
ATOM   177 C CE   . LYS A 1 12 ? -13.757 2.927  -3.911  1.00 0.00 ? 12 LYS A CE   1 
ATOM   178 N NZ   . LYS A 1 12 ? -14.122 3.743  -2.731  1.00 0.00 ? 12 LYS A NZ   1 
ATOM   179 H H    . LYS A 1 12 ? -8.999  -0.822 -5.684  1.00 0.00 ? 12 LYS A H    1 
ATOM   180 H HA   . LYS A 1 12 ? -9.731  1.763  -6.644  1.00 0.00 ? 12 LYS A HA   1 
ATOM   181 H HB2  . LYS A 1 12 ? -10.723 0.825  -4.000  1.00 0.00 ? 12 LYS A HB2  1 
ATOM   182 H HB3  . LYS A 1 12 ? -10.020 2.429  -4.045  1.00 0.00 ? 12 LYS A HB3  1 
ATOM   183 H HG2  . LYS A 1 12 ? -11.560 2.585  -6.285  1.00 0.00 ? 12 LYS A HG2  1 
ATOM   184 H HG3  . LYS A 1 12 ? -12.495 1.396  -5.399  1.00 0.00 ? 12 LYS A HG3  1 
ATOM   185 H HD2  . LYS A 1 12 ? -11.711 3.523  -3.581  1.00 0.00 ? 12 LYS A HD2  1 
ATOM   186 H HD3  . LYS A 1 12 ? -12.438 4.236  -5.006  1.00 0.00 ? 12 LYS A HD3  1 
ATOM   187 H HE2  . LYS A 1 12 ? -14.496 3.067  -4.701  1.00 0.00 ? 12 LYS A HE2  1 
ATOM   188 H HE3  . LYS A 1 12 ? -13.770 1.869  -3.648  1.00 0.00 ? 12 LYS A HE3  1 
ATOM   189 H HZ1  . LYS A 1 12 ? -14.692 4.542  -2.984  1.00 0.00 ? 12 LYS A HZ1  1 
ATOM   190 H HZ2  . LYS A 1 12 ? -14.651 3.209  -2.050  1.00 0.00 ? 12 LYS A HZ2  1 
ATOM   191 N N    . LYS A 1 13 ? -7.755  1.336  -4.086  1.00 0.00 ? 13 LYS A N    1 
ATOM   192 C CA   . LYS A 1 13 ? -6.401  1.537  -3.597  1.00 0.00 ? 13 LYS A CA   1 
ATOM   193 C C    . LYS A 1 13 ? -6.383  1.367  -2.076  1.00 0.00 ? 13 LYS A C    1 
ATOM   194 O O    . LYS A 1 13 ? -7.408  1.054  -1.470  1.00 0.00 ? 13 LYS A O    1 
ATOM   195 C CB   . LYS A 1 13 ? -5.853  2.883  -4.071  1.00 0.00 ? 13 LYS A CB   1 
ATOM   196 C CG   . LYS A 1 13 ? -6.808  4.023  -3.709  1.00 0.00 ? 13 LYS A CG   1 
ATOM   197 C CD   . LYS A 1 13 ? -6.038  5.314  -3.426  1.00 0.00 ? 13 LYS A CD   1 
ATOM   198 C CE   . LYS A 1 13 ? -6.740  6.519  -4.054  1.00 0.00 ? 13 LYS A CE   1 
ATOM   199 N NZ   . LYS A 1 13 ? -7.003  7.557  -3.032  1.00 0.00 ? 13 LYS A NZ   1 
ATOM   200 H H    . LYS A 1 13 ? -8.432  1.125  -3.381  1.00 0.00 ? 13 LYS A H    1 
ATOM   201 H HA   . LYS A 1 13 ? -5.776  0.760  -4.038  1.00 0.00 ? 13 LYS A HA   1 
ATOM   202 H HB2  . LYS A 1 13 ? -4.878  3.064  -3.619  1.00 0.00 ? 13 LYS A HB2  1 
ATOM   203 H HB3  . LYS A 1 13 ? -5.703  2.859  -5.150  1.00 0.00 ? 13 LYS A HB3  1 
ATOM   204 H HG2  . LYS A 1 13 ? -7.512  4.186  -4.525  1.00 0.00 ? 13 LYS A HG2  1 
ATOM   205 H HG3  . LYS A 1 13 ? -7.394  3.745  -2.833  1.00 0.00 ? 13 LYS A HG3  1 
ATOM   206 H HD2  . LYS A 1 13 ? -5.950  5.460  -2.349  1.00 0.00 ? 13 LYS A HD2  1 
ATOM   207 H HD3  . LYS A 1 13 ? -5.025  5.232  -3.820  1.00 0.00 ? 13 LYS A HD3  1 
ATOM   208 H HE2  . LYS A 1 13 ? -6.122  6.934  -4.850  1.00 0.00 ? 13 LYS A HE2  1 
ATOM   209 H HE3  . LYS A 1 13 ? -7.678  6.205  -4.510  1.00 0.00 ? 13 LYS A HE3  1 
ATOM   210 H HZ1  . LYS A 1 13 ? -6.144  7.938  -2.647  1.00 0.00 ? 13 LYS A HZ1  1 
ATOM   211 H HZ2  . LYS A 1 13 ? -7.526  8.339  -3.410  1.00 0.00 ? 13 LYS A HZ2  1 
ATOM   212 N N    . ILE A 1 14 ? -5.208  1.579  -1.503  1.00 0.00 ? 14 ILE A N    1 
ATOM   213 C CA   . ILE A 1 14 ? -5.043  1.453  -0.065  1.00 0.00 ? 14 ILE A CA   1 
ATOM   214 C C    . ILE A 1 14 ? -3.613  1.843  0.316   1.00 0.00 ? 14 ILE A C    1 
ATOM   215 O O    . ILE A 1 14 ? -2.681  1.630  -0.457  1.00 0.00 ? 14 ILE A O    1 
ATOM   216 C CB   . ILE A 1 14 ? -5.442  0.051  0.399   1.00 0.00 ? 14 ILE A CB   1 
ATOM   217 C CG1  . ILE A 1 14 ? -6.113  0.099  1.774   1.00 0.00 ? 14 ILE A CG1  1 
ATOM   218 C CG2  . ILE A 1 14 ? -4.241  -0.896 0.380   1.00 0.00 ? 14 ILE A CG2  1 
ATOM   219 C CD1  . ILE A 1 14 ? -7.426  -0.687 1.771   1.00 0.00 ? 14 ILE A CD1  1 
ATOM   220 H H    . ILE A 1 14 ? -4.380  1.834  -2.002  1.00 0.00 ? 14 ILE A H    1 
ATOM   221 H HA   . ILE A 1 14 ? -5.729  2.156  0.405   1.00 0.00 ? 14 ILE A HA   1 
ATOM   222 H HB   . ILE A 1 14 ? -6.175  -0.345 -0.303  1.00 0.00 ? 14 ILE A HB   1 
ATOM   223 H HG12 . ILE A 1 14 ? -5.440  -0.314 2.525   1.00 0.00 ? 14 ILE A HG12 1 
ATOM   224 H HG13 . ILE A 1 14 ? -6.306  1.135  2.052   1.00 0.00 ? 14 ILE A HG13 1 
ATOM   225 H HG21 . ILE A 1 14 ? -3.673  -0.782 1.304   1.00 0.00 ? 14 ILE A HG21 1 
ATOM   226 H HG22 . ILE A 1 14 ? -4.590  -1.925 0.293   1.00 0.00 ? 14 ILE A HG22 1 
ATOM   227 H HG23 . ILE A 1 14 ? -3.602  -0.656 -0.470  1.00 0.00 ? 14 ILE A HG23 1 
ATOM   228 H HD11 . ILE A 1 14 ? -7.718  -0.911 2.796   1.00 0.00 ? 14 ILE A HD11 1 
ATOM   229 H HD12 . ILE A 1 14 ? -8.204  -0.092 1.293   1.00 0.00 ? 14 ILE A HD12 1 
ATOM   230 H HD13 . ILE A 1 14 ? -7.291  -1.618 1.220   1.00 0.00 ? 14 ILE A HD13 1 
ATOM   231 N N    . LEU A 1 15 ? -3.486  2.407  1.508   1.00 0.00 ? 15 LEU A N    1 
ATOM   232 C CA   . LEU A 1 15 ? -2.184  2.827  2.002   1.00 0.00 ? 15 LEU A CA   1 
ATOM   233 C C    . LEU A 1 15 ? -1.546  1.679  2.785   1.00 0.00 ? 15 LEU A C    1 
ATOM   234 O O    . LEU A 1 15 ? -2.243  0.910  3.446   1.00 0.00 ? 15 LEU A O    1 
ATOM   235 C CB   . LEU A 1 15 ? -2.310  4.124  2.804   1.00 0.00 ? 15 LEU A CB   1 
ATOM   236 C CG   . LEU A 1 15 ? -1.006  4.885  3.054   1.00 0.00 ? 15 LEU A CG   1 
ATOM   237 C CD1  . LEU A 1 15 ? -0.455  5.473  1.754   1.00 0.00 ? 15 LEU A CD1  1 
ATOM   238 C CD2  . LEU A 1 15 ? -1.195  5.955  4.132   1.00 0.00 ? 15 LEU A CD2  1 
ATOM   239 H H    . LEU A 1 15 ? -4.248  2.577  2.131   1.00 0.00 ? 15 LEU A H    1 
ATOM   240 H HA   . LEU A 1 15 ? -1.560  3.043  1.135   1.00 0.00 ? 15 LEU A HA   1 
ATOM   241 H HB2  . LEU A 1 15 ? -2.999  4.786  2.281   1.00 0.00 ? 15 LEU A HB2  1 
ATOM   242 H HB3  . LEU A 1 15 ? -2.761  3.890  3.767   1.00 0.00 ? 15 LEU A HB3  1 
ATOM   243 H HG   . LEU A 1 15 ? -0.265  4.180  3.428   1.00 0.00 ? 15 LEU A HG   1 
ATOM   244 H HD11 . LEU A 1 15 ? 0.394   4.878  1.417   1.00 0.00 ? 15 LEU A HD11 1 
ATOM   245 H HD12 . LEU A 1 15 ? -1.233  5.458  0.991   1.00 0.00 ? 15 LEU A HD12 1 
ATOM   246 H HD13 . LEU A 1 15 ? -0.134  6.500  1.926   1.00 0.00 ? 15 LEU A HD13 1 
ATOM   247 H HD21 . LEU A 1 15 ? -1.429  6.909  3.659   1.00 0.00 ? 15 LEU A HD21 1 
ATOM   248 H HD22 . LEU A 1 15 ? -2.012  5.666  4.792   1.00 0.00 ? 15 LEU A HD22 1 
ATOM   249 H HD23 . LEU A 1 15 ? -0.277  6.053  4.711   1.00 0.00 ? 15 LEU A HD23 1 
ATOM   250 N N    . GLN A 1 16 ? -0.228  1.598  2.686   1.00 0.00 ? 16 GLN A N    1 
ATOM   251 C CA   . GLN A 1 16 ? 0.513   0.557  3.378   1.00 0.00 ? 16 GLN A CA   1 
ATOM   252 C C    . GLN A 1 16 ? 1.657   1.169  4.190   1.00 0.00 ? 16 GLN A C    1 
ATOM   253 O O    . GLN A 1 16 ? 2.135   2.257  3.873   1.00 0.00 ? 16 GLN A O    1 
ATOM   254 C CB   . GLN A 1 16 ? 1.039   -0.489 2.393   1.00 0.00 ? 16 GLN A CB   1 
ATOM   255 C CG   . GLN A 1 16 ? 0.225   -1.781 2.478   1.00 0.00 ? 16 GLN A CG   1 
ATOM   256 C CD   . GLN A 1 16 ? 0.796   -2.721 3.544   1.00 0.00 ? 16 GLN A CD   1 
ATOM   257 O OE1  . GLN A 1 16 ? 1.690   -3.513 3.294   1.00 0.00 ? 16 GLN A OE1  1 
ATOM   258 N NE2  . GLN A 1 16 ? 0.233   -2.588 4.741   1.00 0.00 ? 16 GLN A NE2  1 
ATOM   259 H H    . GLN A 1 16 ? 0.332   2.226  2.146   1.00 0.00 ? 16 GLN A H    1 
ATOM   260 H HA   . GLN A 1 16 ? -0.206  0.087  4.049   1.00 0.00 ? 16 GLN A HA   1 
ATOM   261 H HB2  . GLN A 1 16 ? 0.995   -0.093 1.378   1.00 0.00 ? 16 GLN A HB2  1 
ATOM   262 H HB3  . GLN A 1 16 ? 2.088   -0.701 2.606   1.00 0.00 ? 16 GLN A HB3  1 
ATOM   263 H HG2  . GLN A 1 16 ? -0.813  -1.547 2.716   1.00 0.00 ? 16 GLN A HG2  1 
ATOM   264 H HG3  . GLN A 1 16 ? 0.225   -2.281 1.510   1.00 0.00 ? 16 GLN A HG3  1 
ATOM   265 H HE21 . GLN A 1 16 ? -0.497  -1.917 4.878   1.00 0.00 ? 16 GLN A HE21 1 
ATOM   266 H HE22 . GLN A 1 16 ? 0.538   -3.158 5.503   1.00 0.00 ? 16 GLN A HE22 1 
ATOM   267 N N    . THR A 1 17 ? 2.061   0.443  5.222   1.00 0.00 ? 17 THR A N    1 
ATOM   268 C CA   . THR A 1 17 ? 3.139   0.901  6.082   1.00 0.00 ? 17 THR A CA   1 
ATOM   269 C C    . THR A 1 17 ? 3.838   -0.289 6.741   1.00 0.00 ? 17 THR A C    1 
ATOM   270 O O    . THR A 1 17 ? 4.239   -0.214 7.902   1.00 0.00 ? 17 THR A O    1 
ATOM   271 C CB   . THR A 1 17 ? 2.553   1.895  7.087   1.00 0.00 ? 17 THR A CB   1 
ATOM   272 O OG1  . THR A 1 17 ? 3.694   2.428  7.754   1.00 0.00 ? 17 THR A OG1  1 
ATOM   273 C CG2  . THR A 1 17 ? 1.760   1.205  8.198   1.00 0.00 ? 17 THR A CG2  1 
ATOM   274 H H    . THR A 1 17 ? 1.667   -0.440 5.474   1.00 0.00 ? 17 THR A H    1 
ATOM   275 H HA   . THR A 1 17 ? 3.882   1.405  5.463   1.00 0.00 ? 17 THR A HA   1 
ATOM   276 H HB   . THR A 1 17 ? 1.944   2.645  6.582   1.00 0.00 ? 17 THR A HB   1 
ATOM   277 H HG1  . THR A 1 17 ? 4.217   1.689  8.180   1.00 0.00 ? 17 THR A HG1  1 
ATOM   278 H HG21 . THR A 1 17 ? 2.093   1.577  9.167   1.00 0.00 ? 17 THR A HG21 1 
ATOM   279 H HG22 . THR A 1 17 ? 0.698   1.417  8.072   1.00 0.00 ? 17 THR A HG22 1 
ATOM   280 H HG23 . THR A 1 17 ? 1.923   0.128  8.147   1.00 0.00 ? 17 THR A HG23 1 
ATOM   281 N N    . THR A 1 18 ? 3.963   -1.361 5.973   1.00 0.00 ? 18 THR A N    1 
ATOM   282 C CA   . THR A 1 18 ? 4.604   -2.567 6.468   1.00 0.00 ? 18 THR A CA   1 
ATOM   283 C C    . THR A 1 18 ? 6.100   -2.545 6.144   1.00 0.00 ? 18 THR A C    1 
ATOM   284 O O    . THR A 1 18 ? 6.527   -1.867 5.211   1.00 0.00 ? 18 THR A O    1 
ATOM   285 C CB   . THR A 1 18 ? 3.871   -3.772 5.876   1.00 0.00 ? 18 THR A CB   1 
ATOM   286 O OG1  . THR A 1 18 ? 2.576   -3.715 6.468   1.00 0.00 ? 18 THR A OG1  1 
ATOM   287 C CG2  . THR A 1 18 ? 4.445   -5.104 6.362   1.00 0.00 ? 18 THR A CG2  1 
ATOM   288 H H    . THR A 1 18 ? 3.634   -1.415 5.030   1.00 0.00 ? 18 THR A H    1 
ATOM   289 H HA   . THR A 1 18 ? 4.514   -2.583 7.554   1.00 0.00 ? 18 THR A HA   1 
ATOM   290 H HB   . THR A 1 18 ? 3.864   -3.726 4.787   1.00 0.00 ? 18 THR A HB   1 
ATOM   291 H HG1  . THR A 1 18 ? 2.657   -3.602 7.457   1.00 0.00 ? 18 THR A HG1  1 
ATOM   292 H HG21 . THR A 1 18 ? 5.494   -5.175 6.075   1.00 0.00 ? 18 THR A HG21 1 
ATOM   293 H HG22 . THR A 1 18 ? 4.361   -5.161 7.448   1.00 0.00 ? 18 THR A HG22 1 
ATOM   294 H HG23 . THR A 1 18 ? 3.889   -5.926 5.911   1.00 0.00 ? 18 THR A HG23 1 
ATOM   295 N N    . THR A 1 19 ? 6.855   -3.298 6.931   1.00 0.00 ? 19 THR A N    1 
ATOM   296 C CA   . THR A 1 19 ? 8.293   -3.374 6.739   1.00 0.00 ? 19 THR A CA   1 
ATOM   297 C C    . THR A 1 19 ? 8.788   -4.802 6.977   1.00 0.00 ? 19 THR A C    1 
ATOM   298 O O    . THR A 1 19 ? 8.051   -5.640 7.495   1.00 0.00 ? 19 THR A O    1 
ATOM   299 C CB   . THR A 1 19 ? 8.948   -2.343 7.660   1.00 0.00 ? 19 THR A CB   1 
ATOM   300 O OG1  . THR A 1 19 ? 8.480   -2.692 8.961   1.00 0.00 ? 19 THR A OG1  1 
ATOM   301 C CG2  . THR A 1 19 ? 8.405   -0.930 7.436   1.00 0.00 ? 19 THR A CG2  1 
ATOM   302 H H    . THR A 1 19 ? 6.499   -3.848 7.687   1.00 0.00 ? 19 THR A H    1 
ATOM   303 H HA   . THR A 1 19 ? 8.514   -3.127 5.702   1.00 0.00 ? 19 THR A HA   1 
ATOM   304 H HB   . THR A 1 19 ? 10.032  -2.364 7.560   1.00 0.00 ? 19 THR A HB   1 
ATOM   305 H HG1  . THR A 1 19 ? 8.618   -3.669 9.123   1.00 0.00 ? 19 THR A HG1  1 
ATOM   306 H HG21 . THR A 1 19 ? 8.062   -0.831 6.407   1.00 0.00 ? 19 THR A HG21 1 
ATOM   307 H HG22 . THR A 1 19 ? 7.573   -0.748 8.116   1.00 0.00 ? 19 THR A HG22 1 
ATOM   308 H HG23 . THR A 1 19 ? 9.195   -0.204 7.627   1.00 0.00 ? 19 THR A HG23 1 
ATOM   309 N N    . THR A 1 20 ? 10.032  -5.035 6.588   1.00 0.00 ? 20 THR A N    1 
ATOM   310 C CA   . THR A 1 20 ? 10.634  -6.348 6.751   1.00 0.00 ? 20 THR A CA   1 
ATOM   311 C C    . THR A 1 20 ? 12.000  -6.228 7.431   1.00 0.00 ? 20 THR A C    1 
ATOM   312 O O    . THR A 1 20 ? 12.440  -5.126 7.757   1.00 0.00 ? 20 THR A O    1 
ATOM   313 C CB   . THR A 1 20 ? 10.697  -7.014 5.375   1.00 0.00 ? 20 THR A CB   1 
ATOM   314 O OG1  . THR A 1 20 ? 11.352  -6.052 4.553   1.00 0.00 ? 20 THR A OG1  1 
ATOM   315 C CG2  . THR A 1 20 ? 9.315   -7.171 4.736   1.00 0.00 ? 20 THR A CG2  1 
ATOM   316 H H    . THR A 1 20 ? 10.625  -4.348 6.168   1.00 0.00 ? 20 THR A H    1 
ATOM   317 H HA   . THR A 1 20 ? 9.999   -6.937 7.412   1.00 0.00 ? 20 THR A HA   1 
ATOM   318 H HB   . THR A 1 20 ? 11.212  -7.974 5.431   1.00 0.00 ? 20 THR A HB   1 
ATOM   319 H HG1  . THR A 1 20 ? 12.245  -5.823 4.940   1.00 0.00 ? 20 THR A HG1  1 
ATOM   320 H HG21 . THR A 1 20 ? 9.340   -7.985 4.012   1.00 0.00 ? 20 THR A HG21 1 
ATOM   321 H HG22 . THR A 1 20 ? 8.581   -7.394 5.510   1.00 0.00 ? 20 THR A HG22 1 
ATOM   322 H HG23 . THR A 1 20 ? 9.041   -6.244 4.233   1.00 0.00 ? 20 THR A HG23 1 
# 
